data_7TMY
#
_entry.id   7TMY
#
_cell.length_a   78.789
_cell.length_b   89.695
_cell.length_c   99.383
_cell.angle_alpha   90.000
_cell.angle_beta   90.000
_cell.angle_gamma   90.000
#
_symmetry.space_group_name_H-M   'P 21 21 21'
#
loop_
_entity.id
_entity.type
_entity.pdbx_description
1 polymer 'Importin subunit alpha-1'
2 polymer 'Nuclear Localization Signal from Endonuclease 8-like 3'
3 water water
#
loop_
_entity_poly.entity_id
_entity_poly.type
_entity_poly.pdbx_seq_one_letter_code
_entity_poly.pdbx_strand_id
1 'polypeptide(L)'
;NQGTVNWSVEDIVKGINSNNLESQLQATQAARKLLSREKQPPIDNIIRAGLIPKFVSFLGKTDCSPIQFESAWALTNIAS
GTSEQTKAVVDGGAIPAFISLLASPHAHISEQAVWALGNIAGDGSAFRDLVIKHGAIDPLLALLAVPDLSTLACGYLRNL
TWTLSNLCRNKNPAPPLDAVEQILPTLVRLLHHNDPEVLADSCWAISYLTDGPNERIEMVVKKGVVPQLVKLLGATELPI
VTPALRAIGNIVTGTDEQTQKVIDAGALAVFPSLLTNPKTNIQKEATWTMSNITAGRQDQIQQVVNHGLVPFLVGVLSKA
DFKTQKEAAWAITNYTSGGTVEQIVYLVHCGIIEPLMNLLSAKDTKIIQVILDAISNIFQAAEKLGETEKLSIMIEECGG
LDKIEALQRHENESVYKASLNLIEKYFSVEEEEDQNVVPETTSEGFAFQVQDGAPGTFNF
;
I
2 'polypeptide(L)' PAHKKPKT A
#
# COMPACT_ATOMS: atom_id res chain seq x y z
CA GLY A 3 -10.23 -42.13 -2.73
C GLY A 3 -9.92 -41.24 -3.93
N THR A 4 -9.90 -39.92 -3.70
CA THR A 4 -9.48 -38.95 -4.70
C THR A 4 -8.09 -38.39 -4.43
N VAL A 5 -7.32 -39.08 -3.58
CA VAL A 5 -6.04 -38.59 -3.09
C VAL A 5 -4.92 -39.19 -3.93
N ASN A 6 -4.12 -38.29 -4.51
CA ASN A 6 -2.84 -38.58 -5.14
C ASN A 6 -3.04 -39.23 -6.52
N TRP A 7 -4.04 -38.79 -7.29
CA TRP A 7 -4.24 -39.32 -8.63
C TRP A 7 -3.14 -38.85 -9.56
N SER A 8 -2.87 -39.65 -10.58
CA SER A 8 -2.06 -39.15 -11.68
C SER A 8 -2.88 -38.17 -12.53
N VAL A 9 -2.17 -37.33 -13.29
CA VAL A 9 -2.87 -36.42 -14.17
C VAL A 9 -3.59 -37.20 -15.26
N GLU A 10 -2.96 -38.27 -15.76
CA GLU A 10 -3.61 -39.07 -16.80
C GLU A 10 -4.86 -39.76 -16.26
N ASP A 11 -4.86 -40.14 -14.98
CA ASP A 11 -6.09 -40.62 -14.36
C ASP A 11 -7.15 -39.55 -14.31
N ILE A 12 -6.77 -38.32 -13.95
CA ILE A 12 -7.72 -37.22 -13.91
C ILE A 12 -8.30 -36.98 -15.30
N VAL A 13 -7.44 -36.98 -16.32
CA VAL A 13 -7.92 -36.78 -17.69
C VAL A 13 -8.93 -37.86 -18.06
N LYS A 14 -8.60 -39.13 -17.77
CA LYS A 14 -9.48 -40.23 -18.13
C LYS A 14 -10.87 -40.05 -17.51
N GLY A 15 -10.93 -39.61 -16.25
CA GLY A 15 -12.23 -39.44 -15.61
C GLY A 15 -13.00 -38.26 -16.14
N ILE A 16 -12.33 -37.15 -16.41
CA ILE A 16 -13.03 -35.98 -16.91
C ILE A 16 -13.54 -36.23 -18.33
N ASN A 17 -12.83 -37.06 -19.10
CA ASN A 17 -13.22 -37.41 -20.46
C ASN A 17 -14.28 -38.51 -20.53
N SER A 18 -14.60 -39.16 -19.41
CA SER A 18 -15.70 -40.10 -19.39
C SER A 18 -17.01 -39.34 -19.62
N ASN A 19 -18.04 -40.07 -20.05
CA ASN A 19 -19.33 -39.44 -20.26
C ASN A 19 -20.16 -39.38 -18.98
N ASN A 20 -19.53 -39.48 -17.82
CA ASN A 20 -20.20 -39.81 -16.57
C ASN A 20 -19.96 -38.66 -15.59
N LEU A 21 -21.03 -37.94 -15.27
CA LEU A 21 -20.89 -36.74 -14.43
C LEU A 21 -20.32 -37.09 -13.07
N GLU A 22 -20.76 -38.20 -12.49
CA GLU A 22 -20.21 -38.63 -11.21
C GLU A 22 -18.72 -38.95 -11.35
N SER A 23 -18.33 -39.63 -12.43
CA SER A 23 -16.92 -39.87 -12.68
C SER A 23 -16.16 -38.56 -12.82
N GLN A 24 -16.71 -37.64 -13.62
CA GLN A 24 -16.11 -36.32 -13.75
C GLN A 24 -15.96 -35.62 -12.41
N LEU A 25 -16.97 -35.73 -11.54
CA LEU A 25 -16.87 -35.12 -10.22
C LEU A 25 -15.71 -35.71 -9.42
N GLN A 26 -15.56 -37.04 -9.45
CA GLN A 26 -14.46 -37.67 -8.71
C GLN A 26 -13.11 -37.22 -9.24
N ALA A 27 -12.98 -37.08 -10.55
CA ALA A 27 -11.69 -36.67 -11.13
C ALA A 27 -11.41 -35.21 -10.87
N THR A 28 -12.46 -34.35 -10.88
CA THR A 28 -12.25 -32.93 -10.60
C THR A 28 -11.78 -32.72 -9.17
N GLN A 29 -12.43 -33.40 -8.22
CA GLN A 29 -11.95 -33.38 -6.84
C GLN A 29 -10.49 -33.83 -6.74
N ALA A 30 -10.14 -34.92 -7.43
CA ALA A 30 -8.76 -35.38 -7.45
C ALA A 30 -7.83 -34.28 -7.93
N ALA A 31 -8.21 -33.58 -9.00
CA ALA A 31 -7.40 -32.48 -9.49
C ALA A 31 -7.32 -31.36 -8.46
N ARG A 32 -8.43 -31.06 -7.79
CA ARG A 32 -8.43 -30.03 -6.75
C ARG A 32 -7.44 -30.37 -5.65
N LYS A 33 -7.37 -31.66 -5.29
CA LYS A 33 -6.45 -32.04 -4.21
C LYS A 33 -5.00 -31.95 -4.66
N LEU A 34 -4.70 -32.31 -5.92
CA LEU A 34 -3.35 -32.07 -6.43
C LEU A 34 -3.00 -30.60 -6.38
N LEU A 35 -3.94 -29.74 -6.81
CA LEU A 35 -3.71 -28.31 -6.92
C LEU A 35 -3.71 -27.59 -5.58
N SER A 36 -4.16 -28.25 -4.52
CA SER A 36 -4.18 -27.62 -3.20
C SER A 36 -3.06 -28.13 -2.30
N ARG A 37 -2.02 -28.74 -2.87
CA ARG A 37 -0.89 -29.21 -2.09
C ARG A 37 0.20 -28.15 -2.11
N GLU A 38 0.94 -28.04 -1.01
CA GLU A 38 1.77 -26.86 -0.84
C GLU A 38 3.07 -27.04 -1.59
N LYS A 39 3.55 -28.27 -1.67
CA LYS A 39 4.76 -28.60 -2.39
C LYS A 39 4.43 -28.66 -3.87
N GLN A 40 4.79 -27.59 -4.59
CA GLN A 40 4.76 -27.44 -6.05
C GLN A 40 3.57 -28.12 -6.71
N PRO A 41 2.37 -27.56 -6.63
CA PRO A 41 1.21 -28.16 -7.30
C PRO A 41 1.43 -28.21 -8.80
N PRO A 42 0.96 -29.27 -9.46
CA PRO A 42 1.26 -29.47 -10.90
C PRO A 42 0.38 -28.63 -11.80
N ILE A 43 0.49 -27.30 -11.67
CA ILE A 43 -0.39 -26.38 -12.37
C ILE A 43 -0.15 -26.45 -13.88
N ASP A 44 1.12 -26.42 -14.31
CA ASP A 44 1.40 -26.48 -15.73
C ASP A 44 0.97 -27.82 -16.32
N ASN A 45 1.15 -28.91 -15.57
CA ASN A 45 0.70 -30.22 -16.04
C ASN A 45 -0.80 -30.22 -16.26
N ILE A 46 -1.56 -29.71 -15.29
CA ILE A 46 -3.01 -29.64 -15.42
C ILE A 46 -3.40 -28.79 -16.63
N ILE A 47 -2.68 -27.67 -16.84
CA ILE A 47 -2.98 -26.80 -17.98
C ILE A 47 -2.65 -27.52 -19.27
N ARG A 48 -1.47 -28.16 -19.34
CA ARG A 48 -1.03 -28.81 -20.56
C ARG A 48 -1.96 -29.97 -20.96
N ALA A 49 -2.64 -30.58 -20.00
CA ALA A 49 -3.60 -31.64 -20.31
C ALA A 49 -4.92 -31.12 -20.87
N GLY A 50 -5.07 -29.81 -21.03
CA GLY A 50 -6.28 -29.24 -21.61
C GLY A 50 -7.49 -29.26 -20.70
N LEU A 51 -7.30 -29.28 -19.38
CA LEU A 51 -8.43 -29.45 -18.46
C LEU A 51 -9.18 -28.16 -18.17
N ILE A 52 -8.60 -26.98 -18.44
CA ILE A 52 -9.23 -25.73 -18.02
C ILE A 52 -10.59 -25.52 -18.68
N PRO A 53 -10.76 -25.68 -20.00
CA PRO A 53 -12.12 -25.56 -20.57
C PRO A 53 -13.13 -26.50 -19.94
N LYS A 54 -12.73 -27.73 -19.61
CA LYS A 54 -13.68 -28.65 -18.98
C LYS A 54 -14.04 -28.18 -17.58
N PHE A 55 -13.04 -27.70 -16.82
CA PHE A 55 -13.32 -27.10 -15.52
C PHE A 55 -14.28 -25.92 -15.64
N VAL A 56 -14.06 -25.03 -16.61
CA VAL A 56 -14.91 -23.86 -16.73
C VAL A 56 -16.33 -24.28 -17.10
N SER A 57 -16.48 -25.31 -17.95
CA SER A 57 -17.82 -25.77 -18.28
C SER A 57 -18.51 -26.38 -17.06
N PHE A 58 -17.75 -26.97 -16.14
CA PHE A 58 -18.34 -27.50 -14.91
C PHE A 58 -18.86 -26.39 -14.00
N LEU A 59 -18.35 -25.16 -14.14
CA LEU A 59 -18.87 -24.07 -13.33
C LEU A 59 -20.36 -23.87 -13.56
N GLY A 60 -20.85 -24.17 -14.76
CA GLY A 60 -22.24 -23.96 -15.11
C GLY A 60 -23.18 -25.12 -14.82
N LYS A 61 -22.72 -26.19 -14.18
CA LYS A 61 -23.58 -27.35 -13.93
C LYS A 61 -24.34 -27.14 -12.63
N THR A 62 -25.44 -26.41 -12.74
CA THR A 62 -26.22 -26.01 -11.58
C THR A 62 -26.81 -27.20 -10.86
N ASP A 63 -27.07 -28.30 -11.58
CA ASP A 63 -27.64 -29.49 -10.97
C ASP A 63 -26.62 -30.31 -10.20
N CYS A 64 -25.32 -30.05 -10.38
CA CYS A 64 -24.28 -30.75 -9.63
C CYS A 64 -23.42 -29.71 -8.91
N SER A 65 -23.97 -29.14 -7.84
CA SER A 65 -23.21 -28.14 -7.09
C SER A 65 -21.85 -28.66 -6.59
N PRO A 66 -21.68 -29.93 -6.18
CA PRO A 66 -20.32 -30.38 -5.84
C PRO A 66 -19.30 -30.18 -6.94
N ILE A 67 -19.64 -30.48 -8.19
CA ILE A 67 -18.64 -30.28 -9.25
C ILE A 67 -18.43 -28.80 -9.55
N GLN A 68 -19.45 -27.97 -9.30
CA GLN A 68 -19.26 -26.52 -9.39
C GLN A 68 -18.19 -26.06 -8.42
N PHE A 69 -18.31 -26.50 -7.15
CA PHE A 69 -17.37 -26.13 -6.10
C PHE A 69 -15.97 -26.66 -6.37
N GLU A 70 -15.88 -27.94 -6.80
CA GLU A 70 -14.57 -28.54 -7.00
C GLU A 70 -13.83 -27.88 -8.15
N SER A 71 -14.52 -27.61 -9.26
CA SER A 71 -13.82 -26.96 -10.36
C SER A 71 -13.53 -25.50 -10.02
N ALA A 72 -14.45 -24.84 -9.30
CA ALA A 72 -14.19 -23.48 -8.82
C ALA A 72 -12.90 -23.43 -8.00
N TRP A 73 -12.74 -24.38 -7.08
CA TRP A 73 -11.53 -24.45 -6.28
C TRP A 73 -10.30 -24.74 -7.13
N ALA A 74 -10.42 -25.70 -8.05
CA ALA A 74 -9.32 -26.03 -8.94
C ALA A 74 -8.90 -24.81 -9.77
N LEU A 75 -9.87 -24.11 -10.34
CA LEU A 75 -9.55 -22.94 -11.16
C LEU A 75 -8.99 -21.82 -10.30
N THR A 76 -9.47 -21.70 -9.06
CA THR A 76 -8.93 -20.71 -8.13
C THR A 76 -7.43 -20.88 -7.97
N ASN A 77 -6.98 -22.12 -7.80
CA ASN A 77 -5.57 -22.35 -7.48
C ASN A 77 -4.70 -22.24 -8.72
N ILE A 78 -5.24 -22.54 -9.91
CA ILE A 78 -4.53 -22.22 -11.14
C ILE A 78 -4.39 -20.71 -11.30
N ALA A 79 -5.48 -19.97 -11.08
CA ALA A 79 -5.45 -18.52 -11.22
C ALA A 79 -4.52 -17.84 -10.22
N SER A 80 -4.20 -18.50 -9.10
CA SER A 80 -3.27 -17.96 -8.11
C SER A 80 -1.81 -18.05 -8.53
N GLY A 81 -1.50 -18.66 -9.67
CA GLY A 81 -0.12 -18.84 -10.10
C GLY A 81 0.49 -17.65 -10.82
N THR A 82 1.34 -17.91 -11.81
CA THR A 82 1.95 -16.85 -12.59
C THR A 82 0.92 -16.16 -13.49
N SER A 83 1.35 -15.07 -14.12
CA SER A 83 0.50 -14.39 -15.09
C SER A 83 0.07 -15.33 -16.20
N GLU A 84 1.02 -16.12 -16.72
CA GLU A 84 0.68 -17.08 -17.76
C GLU A 84 -0.37 -18.08 -17.27
N GLN A 85 -0.31 -18.47 -16.00
CA GLN A 85 -1.28 -19.42 -15.50
C GLN A 85 -2.64 -18.75 -15.26
N THR A 86 -2.64 -17.52 -14.74
CA THR A 86 -3.89 -16.77 -14.65
C THR A 86 -4.48 -16.54 -16.05
N LYS A 87 -3.63 -16.21 -17.02
CA LYS A 87 -4.12 -15.99 -18.38
C LYS A 87 -4.86 -17.21 -18.91
N ALA A 88 -4.34 -18.42 -18.60
CA ALA A 88 -4.97 -19.63 -19.12
C ALA A 88 -6.37 -19.80 -18.57
N VAL A 89 -6.57 -19.43 -17.30
CA VAL A 89 -7.90 -19.45 -16.70
C VAL A 89 -8.80 -18.44 -17.41
N VAL A 90 -8.27 -17.23 -17.64
CA VAL A 90 -9.06 -16.22 -18.35
C VAL A 90 -9.36 -16.67 -19.78
N ASP A 91 -8.35 -17.20 -20.48
CA ASP A 91 -8.55 -17.63 -21.86
C ASP A 91 -9.57 -18.75 -21.97
N GLY A 92 -9.73 -19.58 -20.93
CA GLY A 92 -10.76 -20.60 -20.92
C GLY A 92 -12.18 -20.09 -20.73
N GLY A 93 -12.38 -18.78 -20.61
CA GLY A 93 -13.72 -18.22 -20.46
C GLY A 93 -14.22 -18.14 -19.03
N ALA A 94 -13.33 -18.20 -18.04
CA ALA A 94 -13.75 -18.35 -16.66
C ALA A 94 -14.40 -17.08 -16.07
N ILE A 95 -14.08 -15.89 -16.61
CA ILE A 95 -14.53 -14.67 -15.94
C ILE A 95 -16.06 -14.58 -15.96
N PRO A 96 -16.75 -14.65 -17.10
CA PRO A 96 -18.23 -14.64 -17.03
C PRO A 96 -18.78 -15.77 -16.17
N ALA A 97 -18.14 -16.94 -16.19
CA ALA A 97 -18.71 -18.09 -15.50
C ALA A 97 -18.61 -17.91 -13.99
N PHE A 98 -17.49 -17.39 -13.50
CA PHE A 98 -17.38 -17.06 -12.08
C PHE A 98 -18.38 -15.98 -11.68
N ILE A 99 -18.58 -14.98 -12.55
CA ILE A 99 -19.50 -13.90 -12.20
C ILE A 99 -20.92 -14.44 -12.05
N SER A 100 -21.31 -15.38 -12.90
CA SER A 100 -22.61 -16.02 -12.71
C SER A 100 -22.66 -16.79 -11.39
N LEU A 101 -21.54 -17.38 -10.99
CA LEU A 101 -21.53 -18.17 -9.75
C LEU A 101 -21.70 -17.29 -8.52
N LEU A 102 -21.44 -16.00 -8.61
CA LEU A 102 -21.62 -15.11 -7.47
C LEU A 102 -23.04 -15.20 -6.92
N ALA A 103 -24.01 -15.57 -7.77
CA ALA A 103 -25.41 -15.65 -7.38
C ALA A 103 -25.82 -17.01 -6.83
N SER A 104 -24.89 -17.96 -6.76
CA SER A 104 -25.24 -19.30 -6.30
C SER A 104 -25.91 -19.24 -4.93
N PRO A 105 -26.93 -20.05 -4.68
CA PRO A 105 -27.51 -20.12 -3.33
C PRO A 105 -26.63 -20.82 -2.32
N HIS A 106 -25.49 -21.39 -2.74
CA HIS A 106 -24.56 -22.08 -1.86
C HIS A 106 -23.44 -21.11 -1.51
N ALA A 107 -23.41 -20.66 -0.25
CA ALA A 107 -22.45 -19.63 0.16
C ALA A 107 -21.02 -20.05 -0.14
N HIS A 108 -20.70 -21.35 0.01
CA HIS A 108 -19.32 -21.76 -0.21
C HIS A 108 -18.94 -21.72 -1.69
N ILE A 109 -19.92 -21.81 -2.58
CA ILE A 109 -19.64 -21.71 -4.01
C ILE A 109 -19.45 -20.26 -4.43
N SER A 110 -20.36 -19.38 -4.01
CA SER A 110 -20.18 -17.96 -4.32
C SER A 110 -18.89 -17.43 -3.71
N GLU A 111 -18.58 -17.84 -2.48
CA GLU A 111 -17.29 -17.47 -1.88
C GLU A 111 -16.13 -17.92 -2.76
N GLN A 112 -16.22 -19.14 -3.31
CA GLN A 112 -15.15 -19.64 -4.17
C GLN A 112 -15.04 -18.81 -5.44
N ALA A 113 -16.18 -18.41 -6.00
CA ALA A 113 -16.17 -17.49 -7.14
C ALA A 113 -15.53 -16.16 -6.75
N VAL A 114 -15.92 -15.61 -5.60
CA VAL A 114 -15.31 -14.37 -5.11
C VAL A 114 -13.79 -14.52 -5.06
N TRP A 115 -13.33 -15.60 -4.43
CA TRP A 115 -11.90 -15.84 -4.32
C TRP A 115 -11.22 -15.87 -5.69
N ALA A 116 -11.80 -16.60 -6.64
CA ALA A 116 -11.20 -16.77 -7.96
C ALA A 116 -11.07 -15.43 -8.68
N LEU A 117 -12.14 -14.62 -8.68
CA LEU A 117 -12.10 -13.31 -9.30
C LEU A 117 -11.02 -12.43 -8.67
N GLY A 118 -10.84 -12.54 -7.35
CA GLY A 118 -9.77 -11.80 -6.69
C GLY A 118 -8.39 -12.17 -7.21
N ASN A 119 -8.15 -13.46 -7.46
CA ASN A 119 -6.87 -13.88 -8.04
C ASN A 119 -6.72 -13.36 -9.48
N ILE A 120 -7.79 -13.46 -10.27
CA ILE A 120 -7.71 -12.96 -11.64
C ILE A 120 -7.45 -11.46 -11.64
N ALA A 121 -8.27 -10.70 -10.90
CA ALA A 121 -8.09 -9.26 -10.80
C ALA A 121 -6.73 -8.90 -10.22
N GLY A 122 -6.21 -9.72 -9.31
CA GLY A 122 -4.91 -9.49 -8.70
C GLY A 122 -3.74 -9.62 -9.65
N ASP A 123 -3.97 -10.07 -10.88
CA ASP A 123 -2.86 -10.17 -11.82
C ASP A 123 -2.34 -8.81 -12.27
N GLY A 124 -3.17 -7.78 -12.29
CA GLY A 124 -2.76 -6.51 -12.84
C GLY A 124 -3.95 -5.75 -13.40
N SER A 125 -3.66 -4.54 -13.89
CA SER A 125 -4.73 -3.61 -14.27
C SER A 125 -5.57 -4.14 -15.43
N ALA A 126 -4.95 -4.82 -16.40
CA ALA A 126 -5.72 -5.33 -17.54
C ALA A 126 -6.77 -6.36 -17.13
N PHE A 127 -6.35 -7.39 -16.40
CA PHE A 127 -7.35 -8.38 -15.96
C PHE A 127 -8.32 -7.77 -14.97
N ARG A 128 -7.82 -6.86 -14.11
CA ARG A 128 -8.69 -6.10 -13.21
C ARG A 128 -9.82 -5.43 -14.00
N ASP A 129 -9.45 -4.72 -15.06
CA ASP A 129 -10.47 -3.99 -15.81
C ASP A 129 -11.33 -4.94 -16.64
N LEU A 130 -10.78 -6.10 -17.04
CA LEU A 130 -11.62 -7.08 -17.73
C LEU A 130 -12.69 -7.63 -16.79
N VAL A 131 -12.29 -7.94 -15.54
CA VAL A 131 -13.27 -8.36 -14.53
C VAL A 131 -14.35 -7.30 -14.34
N ILE A 132 -13.95 -6.03 -14.31
CA ILE A 132 -14.94 -4.96 -14.14
C ILE A 132 -15.85 -4.88 -15.38
N LYS A 133 -15.29 -5.02 -16.59
CA LYS A 133 -16.11 -4.91 -17.79
C LYS A 133 -17.12 -6.04 -17.89
N HIS A 134 -16.78 -7.24 -17.39
CA HIS A 134 -17.73 -8.34 -17.36
C HIS A 134 -18.84 -8.13 -16.34
N GLY A 135 -18.74 -7.10 -15.49
CA GLY A 135 -19.82 -6.76 -14.60
C GLY A 135 -19.74 -7.43 -13.23
N ALA A 136 -18.53 -7.59 -12.71
CA ALA A 136 -18.38 -8.26 -11.41
C ALA A 136 -18.82 -7.36 -10.25
N ILE A 137 -18.74 -6.04 -10.40
CA ILE A 137 -18.86 -5.17 -9.24
C ILE A 137 -20.25 -5.24 -8.64
N ASP A 138 -21.29 -5.17 -9.48
CA ASP A 138 -22.66 -5.19 -8.95
C ASP A 138 -22.93 -6.44 -8.13
N PRO A 139 -22.73 -7.66 -8.63
CA PRO A 139 -23.02 -8.84 -7.78
C PRO A 139 -22.12 -8.94 -6.56
N LEU A 140 -20.85 -8.54 -6.64
CA LEU A 140 -20.01 -8.53 -5.45
C LEU A 140 -20.60 -7.61 -4.38
N LEU A 141 -20.91 -6.37 -4.74
CA LEU A 141 -21.44 -5.43 -3.76
C LEU A 141 -22.78 -5.90 -3.21
N ALA A 142 -23.58 -6.59 -4.03
CA ALA A 142 -24.88 -7.05 -3.55
C ALA A 142 -24.73 -8.11 -2.47
N LEU A 143 -23.63 -8.89 -2.50
CA LEU A 143 -23.37 -9.86 -1.44
C LEU A 143 -23.15 -9.17 -0.09
N LEU A 144 -22.69 -7.92 -0.09
CA LEU A 144 -22.46 -7.18 1.13
C LEU A 144 -23.61 -6.25 1.48
N ALA A 145 -24.74 -6.33 0.77
CA ALA A 145 -25.87 -5.45 1.06
C ALA A 145 -26.74 -6.11 2.13
N VAL A 146 -26.25 -6.03 3.36
CA VAL A 146 -26.97 -6.49 4.56
C VAL A 146 -27.00 -5.39 5.61
N PRO A 147 -28.02 -5.36 6.49
CA PRO A 147 -28.06 -4.32 7.52
C PRO A 147 -26.87 -4.37 8.47
N ASP A 148 -26.39 -5.55 8.82
CA ASP A 148 -25.28 -5.70 9.75
C ASP A 148 -24.29 -6.69 9.17
N LEU A 149 -23.09 -6.20 8.84
CA LEU A 149 -22.04 -7.03 8.26
C LEU A 149 -21.71 -8.22 9.14
N SER A 150 -21.84 -8.08 10.46
CA SER A 150 -21.39 -9.14 11.34
C SER A 150 -22.30 -10.38 11.30
N THR A 151 -23.40 -10.37 10.55
CA THR A 151 -24.17 -11.59 10.36
C THR A 151 -23.63 -12.46 9.23
N LEU A 152 -22.61 -11.99 8.51
CA LEU A 152 -21.98 -12.81 7.48
C LEU A 152 -20.88 -13.64 8.09
N ALA A 153 -20.58 -14.76 7.45
CA ALA A 153 -19.48 -15.60 7.91
C ALA A 153 -18.18 -14.84 7.82
N CYS A 154 -17.34 -15.00 8.85
CA CYS A 154 -16.09 -14.27 8.93
C CYS A 154 -15.21 -14.50 7.70
N GLY A 155 -14.97 -15.76 7.35
CA GLY A 155 -14.11 -16.06 6.21
C GLY A 155 -14.69 -15.59 4.89
N TYR A 156 -16.02 -15.66 4.74
CA TYR A 156 -16.69 -15.12 3.55
C TYR A 156 -16.48 -13.61 3.44
N LEU A 157 -16.72 -12.88 4.54
CA LEU A 157 -16.56 -11.44 4.52
C LEU A 157 -15.11 -11.03 4.25
N ARG A 158 -14.16 -11.77 4.85
CA ARG A 158 -12.75 -11.47 4.60
C ARG A 158 -12.39 -11.63 3.13
N ASN A 159 -12.93 -12.67 2.47
CA ASN A 159 -12.57 -12.92 1.08
C ASN A 159 -13.17 -11.87 0.17
N LEU A 160 -14.40 -11.43 0.45
CA LEU A 160 -15.02 -10.35 -0.33
C LEU A 160 -14.23 -9.06 -0.18
N THR A 161 -13.83 -8.72 1.05
CA THR A 161 -13.04 -7.50 1.25
C THR A 161 -11.74 -7.57 0.47
N TRP A 162 -11.07 -8.73 0.51
CA TRP A 162 -9.80 -8.87 -0.18
C TRP A 162 -9.97 -8.77 -1.69
N THR A 163 -11.03 -9.37 -2.24
CA THR A 163 -11.25 -9.28 -3.68
C THR A 163 -11.57 -7.84 -4.08
N LEU A 164 -12.41 -7.14 -3.31
CA LEU A 164 -12.70 -5.74 -3.59
C LEU A 164 -11.43 -4.91 -3.56
N SER A 165 -10.53 -5.21 -2.61
CA SER A 165 -9.29 -4.44 -2.56
C SER A 165 -8.43 -4.67 -3.80
N ASN A 166 -8.54 -5.85 -4.44
CA ASN A 166 -7.80 -6.05 -5.68
C ASN A 166 -8.43 -5.30 -6.84
N LEU A 167 -9.74 -5.08 -6.81
CA LEU A 167 -10.39 -4.23 -7.79
C LEU A 167 -10.01 -2.76 -7.62
N CYS A 168 -9.44 -2.37 -6.48
CA CYS A 168 -8.95 -1.01 -6.26
C CYS A 168 -7.46 -0.89 -6.50
N ARG A 169 -6.76 -1.99 -6.71
CA ARG A 169 -5.31 -2.02 -6.75
C ARG A 169 -4.75 -1.74 -8.14
N ASN A 170 -3.47 -1.32 -8.16
CA ASN A 170 -2.62 -1.20 -9.34
C ASN A 170 -2.86 0.10 -10.09
N LYS A 171 -1.85 0.53 -10.84
CA LYS A 171 -1.92 1.76 -11.63
C LYS A 171 -1.52 1.49 -13.08
N ASN A 172 -1.35 2.55 -13.85
CA ASN A 172 -1.02 2.46 -15.27
C ASN A 172 -1.94 1.46 -16.01
N PRO A 173 -3.25 1.73 -16.05
CA PRO A 173 -3.95 2.85 -15.43
C PRO A 173 -4.51 2.48 -14.05
N ALA A 174 -4.92 3.50 -13.30
CA ALA A 174 -5.68 3.28 -12.08
C ALA A 174 -7.05 2.70 -12.44
N PRO A 175 -7.81 2.18 -11.48
CA PRO A 175 -9.14 1.62 -11.80
C PRO A 175 -10.02 2.69 -12.42
N PRO A 176 -11.07 2.30 -13.14
CA PRO A 176 -11.98 3.30 -13.72
C PRO A 176 -12.63 4.14 -12.64
N LEU A 177 -12.70 5.45 -12.89
CA LEU A 177 -13.31 6.38 -11.95
C LEU A 177 -14.72 5.93 -11.54
N ASP A 178 -15.54 5.50 -12.51
CA ASP A 178 -16.88 5.03 -12.19
C ASP A 178 -16.83 3.83 -11.25
N ALA A 179 -15.88 2.92 -11.48
CA ALA A 179 -15.78 1.74 -10.62
C ALA A 179 -15.40 2.13 -9.20
N VAL A 180 -14.42 3.04 -9.05
CA VAL A 180 -13.96 3.41 -7.72
C VAL A 180 -15.09 4.00 -6.91
N GLU A 181 -15.91 4.78 -7.57
CA GLU A 181 -16.94 5.60 -6.97
C GLU A 181 -18.17 4.74 -6.67
N GLN A 182 -18.36 3.66 -7.44
CA GLN A 182 -19.35 2.63 -7.11
C GLN A 182 -18.93 1.77 -5.91
N ILE A 183 -17.62 1.53 -5.77
CA ILE A 183 -17.14 0.65 -4.70
C ILE A 183 -17.01 1.40 -3.37
N LEU A 184 -16.62 2.68 -3.41
CA LEU A 184 -16.22 3.41 -2.21
C LEU A 184 -17.19 3.28 -1.03
N PRO A 185 -18.51 3.47 -1.19
CA PRO A 185 -19.40 3.38 -0.02
C PRO A 185 -19.32 2.06 0.72
N THR A 186 -19.24 0.94 0.00
CA THR A 186 -19.10 -0.35 0.67
C THR A 186 -17.77 -0.42 1.40
N LEU A 187 -16.72 0.07 0.74
CA LEU A 187 -15.40 0.08 1.37
C LEU A 187 -15.39 0.92 2.65
N VAL A 188 -16.09 2.06 2.63
CA VAL A 188 -16.19 2.86 3.85
C VAL A 188 -16.90 2.08 4.96
N ARG A 189 -17.92 1.30 4.60
CA ARG A 189 -18.60 0.48 5.59
C ARG A 189 -17.68 -0.61 6.16
N LEU A 190 -16.87 -1.24 5.31
CA LEU A 190 -15.94 -2.25 5.79
C LEU A 190 -14.87 -1.64 6.68
N LEU A 191 -14.46 -0.41 6.37
CA LEU A 191 -13.48 0.32 7.18
C LEU A 191 -13.94 0.52 8.62
N HIS A 192 -15.24 0.32 8.91
CA HIS A 192 -15.75 0.40 10.27
C HIS A 192 -16.08 -0.96 10.87
N HIS A 193 -15.78 -2.05 10.17
CA HIS A 193 -16.05 -3.37 10.71
C HIS A 193 -15.02 -3.74 11.79
N ASN A 194 -15.41 -4.64 12.69
CA ASN A 194 -14.56 -4.99 13.82
C ASN A 194 -13.55 -6.11 13.54
N ASP A 195 -13.56 -6.72 12.36
CA ASP A 195 -12.59 -7.79 12.14
C ASP A 195 -11.23 -7.24 11.71
N PRO A 196 -10.14 -7.63 12.37
CA PRO A 196 -8.83 -7.06 12.02
C PRO A 196 -8.40 -7.32 10.58
N GLU A 197 -8.76 -8.47 10.01
CA GLU A 197 -8.34 -8.72 8.64
C GLU A 197 -9.17 -7.92 7.64
N VAL A 198 -10.48 -7.83 7.87
CA VAL A 198 -11.32 -6.94 7.06
C VAL A 198 -10.79 -5.51 7.15
N LEU A 199 -10.37 -5.09 8.34
CA LEU A 199 -9.90 -3.71 8.53
C LEU A 199 -8.59 -3.47 7.80
N ALA A 200 -7.66 -4.42 7.86
CA ALA A 200 -6.39 -4.25 7.16
C ALA A 200 -6.59 -4.15 5.66
N ASP A 201 -7.43 -5.03 5.09
CA ASP A 201 -7.57 -5.04 3.64
C ASP A 201 -8.34 -3.80 3.16
N SER A 202 -9.26 -3.30 3.98
CA SER A 202 -9.95 -2.05 3.66
C SER A 202 -8.99 -0.87 3.64
N CYS A 203 -8.12 -0.78 4.66
CA CYS A 203 -7.06 0.23 4.61
C CYS A 203 -6.18 0.08 3.38
N TRP A 204 -5.82 -1.16 3.03
CA TRP A 204 -5.02 -1.38 1.83
C TRP A 204 -5.74 -0.84 0.60
N ALA A 205 -7.03 -1.13 0.47
CA ALA A 205 -7.80 -0.62 -0.66
C ALA A 205 -7.78 0.91 -0.68
N ILE A 206 -7.97 1.54 0.49
CA ILE A 206 -7.96 3.01 0.55
C ILE A 206 -6.58 3.54 0.20
N SER A 207 -5.52 2.84 0.62
CA SER A 207 -4.18 3.26 0.24
C SER A 207 -3.95 3.16 -1.27
N TYR A 208 -4.55 2.18 -1.94
CA TYR A 208 -4.45 2.13 -3.39
C TYR A 208 -5.14 3.34 -4.02
N LEU A 209 -6.36 3.63 -3.55
CA LEU A 209 -7.16 4.68 -4.17
C LEU A 209 -6.55 6.06 -3.93
N THR A 210 -5.80 6.25 -2.85
CA THR A 210 -5.14 7.53 -2.57
C THR A 210 -3.74 7.61 -3.16
N ASP A 211 -3.27 6.55 -3.83
CA ASP A 211 -1.97 6.49 -4.48
C ASP A 211 -2.13 7.00 -5.91
N GLY A 212 -2.17 8.33 -6.06
CA GLY A 212 -2.34 8.92 -7.37
C GLY A 212 -2.49 10.43 -7.34
N PRO A 213 -3.07 10.99 -8.39
CA PRO A 213 -3.25 12.45 -8.45
C PRO A 213 -4.32 12.93 -7.48
N ASN A 214 -4.30 14.24 -7.23
CA ASN A 214 -5.14 14.83 -6.19
C ASN A 214 -6.61 14.54 -6.39
N GLU A 215 -7.07 14.44 -7.64
CA GLU A 215 -8.47 14.14 -7.91
C GLU A 215 -8.86 12.78 -7.33
N ARG A 216 -7.93 11.83 -7.33
CA ARG A 216 -8.19 10.53 -6.74
C ARG A 216 -8.20 10.61 -5.22
N ILE A 217 -7.22 11.30 -4.64
CA ILE A 217 -7.18 11.53 -3.20
C ILE A 217 -8.50 12.17 -2.75
N GLU A 218 -8.99 13.14 -3.53
CA GLU A 218 -10.18 13.90 -3.16
C GLU A 218 -11.43 13.02 -3.14
N MET A 219 -11.57 12.11 -4.11
CA MET A 219 -12.66 11.14 -4.09
C MET A 219 -12.76 10.44 -2.76
N VAL A 220 -11.61 10.08 -2.17
CA VAL A 220 -11.62 9.33 -0.91
C VAL A 220 -11.89 10.27 0.25
N VAL A 221 -11.15 11.38 0.31
CA VAL A 221 -11.27 12.31 1.41
C VAL A 221 -12.68 12.87 1.51
N LYS A 222 -13.34 13.07 0.37
CA LYS A 222 -14.71 13.56 0.37
C LYS A 222 -15.69 12.60 1.01
N LYS A 223 -15.32 11.35 1.20
CA LYS A 223 -16.17 10.36 1.85
C LYS A 223 -15.99 10.33 3.38
N GLY A 224 -15.22 11.27 3.94
CA GLY A 224 -15.08 11.41 5.38
C GLY A 224 -14.36 10.29 6.10
N VAL A 225 -13.48 9.55 5.41
CA VAL A 225 -12.81 8.40 6.03
C VAL A 225 -11.55 8.75 6.80
N VAL A 226 -11.11 10.02 6.76
CA VAL A 226 -9.82 10.39 7.33
C VAL A 226 -9.84 10.22 8.85
N PRO A 227 -10.90 10.64 9.57
CA PRO A 227 -10.93 10.33 11.01
C PRO A 227 -10.80 8.85 11.30
N GLN A 228 -11.48 7.98 10.53
CA GLN A 228 -11.37 6.55 10.78
C GLN A 228 -9.97 6.04 10.47
N LEU A 229 -9.33 6.59 9.42
CA LEU A 229 -7.94 6.26 9.13
C LEU A 229 -7.03 6.62 10.30
N VAL A 230 -7.25 7.79 10.92
CA VAL A 230 -6.41 8.21 12.03
C VAL A 230 -6.65 7.31 13.24
N LYS A 231 -7.90 6.97 13.50
CA LYS A 231 -8.21 5.98 14.54
C LYS A 231 -7.47 4.68 14.30
N LEU A 232 -7.57 4.12 13.10
CA LEU A 232 -6.85 2.88 12.79
C LEU A 232 -5.35 3.07 12.88
N LEU A 233 -4.88 4.29 12.60
CA LEU A 233 -3.46 4.60 12.73
C LEU A 233 -2.95 4.31 14.14
N GLY A 234 -3.78 4.51 15.14
CA GLY A 234 -3.41 4.22 16.51
C GLY A 234 -3.64 2.80 16.97
N ALA A 235 -4.03 1.89 16.08
CA ALA A 235 -4.32 0.53 16.51
C ALA A 235 -3.05 -0.16 17.00
N THR A 236 -3.25 -1.23 17.78
CA THR A 236 -2.10 -2.00 18.24
C THR A 236 -1.64 -3.00 17.19
N GLU A 237 -2.55 -3.51 16.35
CA GLU A 237 -2.21 -4.52 15.36
C GLU A 237 -1.45 -3.88 14.20
N LEU A 238 -0.17 -4.25 14.07
CA LEU A 238 0.65 -3.72 12.99
C LEU A 238 0.10 -4.01 11.58
N PRO A 239 -0.57 -5.14 11.30
CA PRO A 239 -1.20 -5.30 9.98
C PRO A 239 -2.26 -4.25 9.68
N ILE A 240 -2.75 -3.53 10.68
CA ILE A 240 -3.71 -2.46 10.46
C ILE A 240 -2.99 -1.11 10.34
N VAL A 241 -2.02 -0.88 11.23
CA VAL A 241 -1.28 0.39 11.22
C VAL A 241 -0.58 0.59 9.89
N THR A 242 0.05 -0.46 9.36
CA THR A 242 0.83 -0.31 8.13
C THR A 242 0.00 0.27 6.99
N PRO A 243 -1.13 -0.32 6.59
CA PRO A 243 -1.91 0.30 5.50
C PRO A 243 -2.56 1.61 5.89
N ALA A 244 -2.89 1.81 7.18
CA ALA A 244 -3.44 3.08 7.61
C ALA A 244 -2.44 4.21 7.42
N LEU A 245 -1.19 3.98 7.85
CA LEU A 245 -0.14 4.98 7.66
C LEU A 245 0.14 5.20 6.18
N ARG A 246 0.13 4.13 5.38
CA ARG A 246 0.30 4.30 3.95
C ARG A 246 -0.75 5.23 3.38
N ALA A 247 -2.02 5.02 3.75
CA ALA A 247 -3.09 5.85 3.22
C ALA A 247 -2.93 7.31 3.66
N ILE A 248 -2.63 7.53 4.94
CA ILE A 248 -2.44 8.90 5.43
C ILE A 248 -1.29 9.57 4.69
N GLY A 249 -0.18 8.84 4.52
CA GLY A 249 0.96 9.41 3.82
C GLY A 249 0.65 9.74 2.38
N ASN A 250 -0.10 8.86 1.70
CA ASN A 250 -0.59 9.16 0.36
C ASN A 250 -1.39 10.46 0.34
N ILE A 251 -2.30 10.61 1.30
CA ILE A 251 -3.21 11.75 1.29
C ILE A 251 -2.43 13.06 1.41
N VAL A 252 -1.40 13.10 2.27
CA VAL A 252 -0.68 14.36 2.49
C VAL A 252 0.31 14.63 1.35
N THR A 253 0.27 13.83 0.29
CA THR A 253 0.96 14.25 -0.92
C THR A 253 0.08 15.07 -1.83
N GLY A 254 -1.21 15.21 -1.49
CA GLY A 254 -2.13 16.02 -2.25
C GLY A 254 -2.02 17.48 -1.87
N THR A 255 -3.14 18.19 -2.00
CA THR A 255 -3.17 19.63 -1.76
C THR A 255 -2.95 19.94 -0.28
N ASP A 256 -2.67 21.21 -0.01
CA ASP A 256 -2.55 21.66 1.37
C ASP A 256 -3.87 21.50 2.11
N GLU A 257 -4.99 21.66 1.40
CA GLU A 257 -6.30 21.51 2.03
C GLU A 257 -6.54 20.06 2.43
N GLN A 258 -6.15 19.10 1.57
CA GLN A 258 -6.28 17.69 1.92
C GLN A 258 -5.36 17.33 3.07
N THR A 259 -4.14 17.87 3.07
CA THR A 259 -3.23 17.67 4.20
C THR A 259 -3.85 18.17 5.50
N GLN A 260 -4.53 19.31 5.43
CA GLN A 260 -5.11 19.91 6.63
C GLN A 260 -6.16 19.00 7.27
N LYS A 261 -6.88 18.21 6.45
CA LYS A 261 -7.89 17.32 7.02
C LYS A 261 -7.25 16.22 7.86
N VAL A 262 -6.05 15.79 7.49
CA VAL A 262 -5.31 14.82 8.30
C VAL A 262 -4.90 15.43 9.64
N ILE A 263 -4.43 16.67 9.61
CA ILE A 263 -4.07 17.35 10.85
C ILE A 263 -5.31 17.58 11.71
N ASP A 264 -6.40 18.04 11.11
CA ASP A 264 -7.62 18.30 11.87
C ASP A 264 -8.18 17.04 12.53
N ALA A 265 -7.98 15.88 11.91
CA ALA A 265 -8.46 14.63 12.47
C ALA A 265 -7.57 14.12 13.61
N GLY A 266 -6.45 14.77 13.88
CA GLY A 266 -5.62 14.44 15.02
C GLY A 266 -4.43 13.55 14.74
N ALA A 267 -4.02 13.40 13.48
CA ALA A 267 -2.98 12.42 13.16
C ALA A 267 -1.66 12.74 13.84
N LEU A 268 -1.35 14.03 14.04
CA LEU A 268 -0.03 14.39 14.54
C LEU A 268 0.21 13.88 15.95
N ALA A 269 -0.84 13.66 16.73
CA ALA A 269 -0.69 13.17 18.10
C ALA A 269 -0.20 11.74 18.15
N VAL A 270 -0.36 10.97 17.07
CA VAL A 270 0.11 9.60 17.02
C VAL A 270 1.59 9.52 16.65
N PHE A 271 2.15 10.59 16.13
CA PHE A 271 3.48 10.50 15.54
C PHE A 271 4.63 10.36 16.53
N PRO A 272 4.52 10.79 17.81
CA PRO A 272 5.60 10.42 18.75
C PRO A 272 5.85 8.93 18.77
N SER A 273 4.79 8.10 18.82
CA SER A 273 4.99 6.66 18.81
C SER A 273 5.41 6.16 17.42
N LEU A 274 4.80 6.71 16.35
CA LEU A 274 5.14 6.24 15.00
C LEU A 274 6.60 6.52 14.65
N LEU A 275 7.13 7.66 15.11
CA LEU A 275 8.51 8.04 14.78
C LEU A 275 9.54 7.32 15.63
N THR A 276 9.11 6.61 16.68
CA THR A 276 9.98 5.73 17.45
C THR A 276 9.57 4.26 17.34
N ASN A 277 8.68 3.93 16.39
CA ASN A 277 8.11 2.60 16.31
C ASN A 277 9.23 1.57 16.04
N PRO A 278 9.24 0.45 16.76
CA PRO A 278 10.35 -0.51 16.58
C PRO A 278 10.35 -1.18 15.22
N LYS A 279 9.27 -1.13 14.45
CA LYS A 279 9.27 -1.64 13.08
C LYS A 279 9.86 -0.59 12.14
N THR A 280 10.92 -0.97 11.43
CA THR A 280 11.65 -0.04 10.58
C THR A 280 10.75 0.63 9.54
N ASN A 281 9.90 -0.17 8.87
CA ASN A 281 9.03 0.40 7.84
C ASN A 281 8.06 1.44 8.39
N ILE A 282 7.64 1.32 9.65
CA ILE A 282 6.72 2.29 10.21
C ILE A 282 7.43 3.63 10.42
N GLN A 283 8.67 3.59 10.94
CA GLN A 283 9.42 4.84 11.10
C GLN A 283 9.70 5.50 9.77
N LYS A 284 10.08 4.69 8.77
CA LYS A 284 10.35 5.24 7.45
C LYS A 284 9.14 5.98 6.92
N GLU A 285 7.98 5.32 6.89
CA GLU A 285 6.80 5.91 6.32
C GLU A 285 6.17 6.97 7.22
N ALA A 286 6.41 6.91 8.53
CA ALA A 286 6.00 8.03 9.39
C ALA A 286 6.83 9.27 9.09
N THR A 287 8.13 9.10 8.84
CA THR A 287 9.00 10.22 8.52
C THR A 287 8.70 10.76 7.13
N TRP A 288 8.52 9.85 6.17
CA TRP A 288 8.06 10.25 4.84
C TRP A 288 6.79 11.08 4.92
N THR A 289 5.84 10.65 5.74
CA THR A 289 4.61 11.43 5.95
C THR A 289 4.92 12.80 6.53
N MET A 290 5.84 12.86 7.51
CA MET A 290 6.23 14.14 8.10
C MET A 290 6.83 15.06 7.04
N SER A 291 7.66 14.51 6.14
CA SER A 291 8.31 15.35 5.14
C SER A 291 7.30 16.03 4.24
N ASN A 292 6.15 15.41 3.99
CA ASN A 292 5.14 16.03 3.15
C ASN A 292 4.19 16.92 3.93
N ILE A 293 4.22 16.86 5.25
CA ILE A 293 3.53 17.87 6.04
C ILE A 293 4.40 19.11 6.18
N THR A 294 5.71 18.94 6.40
CA THR A 294 6.56 20.12 6.49
C THR A 294 6.77 20.78 5.13
N ALA A 295 6.34 20.14 4.04
CA ALA A 295 6.29 20.78 2.74
C ALA A 295 5.07 21.67 2.60
N GLY A 296 4.25 21.74 3.62
CA GLY A 296 2.99 22.47 3.56
C GLY A 296 3.10 23.92 3.98
N ARG A 297 2.00 24.44 4.52
CA ARG A 297 1.85 25.84 4.89
C ARG A 297 2.60 26.12 6.21
N GLN A 298 2.88 27.41 6.45
CA GLN A 298 3.58 27.75 7.68
C GLN A 298 2.73 27.42 8.91
N ASP A 299 1.41 27.58 8.81
CA ASP A 299 0.55 27.18 9.91
C ASP A 299 0.56 25.67 10.11
N GLN A 300 0.79 24.90 9.04
CA GLN A 300 0.90 23.45 9.18
C GLN A 300 2.26 23.05 9.72
N ILE A 301 3.33 23.74 9.30
CA ILE A 301 4.60 23.58 9.98
C ILE A 301 4.44 23.92 11.46
N GLN A 302 3.70 24.98 11.76
CA GLN A 302 3.48 25.36 13.15
C GLN A 302 2.74 24.28 13.92
N GLN A 303 1.88 23.52 13.25
CA GLN A 303 1.24 22.36 13.89
C GLN A 303 2.28 21.31 14.25
N VAL A 304 3.25 21.09 13.37
CA VAL A 304 4.30 20.13 13.67
C VAL A 304 5.08 20.57 14.90
N VAL A 305 5.42 21.86 14.97
CA VAL A 305 6.10 22.39 16.16
C VAL A 305 5.24 22.17 17.40
N ASN A 306 3.97 22.58 17.34
CA ASN A 306 3.13 22.56 18.53
C ASN A 306 2.95 21.15 19.09
N HIS A 307 2.91 20.14 18.21
CA HIS A 307 2.77 18.76 18.66
C HIS A 307 4.06 18.17 19.19
N GLY A 308 5.14 18.96 19.26
CA GLY A 308 6.39 18.49 19.82
C GLY A 308 7.16 17.56 18.92
N LEU A 309 6.95 17.62 17.61
CA LEU A 309 7.51 16.62 16.71
C LEU A 309 8.89 17.00 16.19
N VAL A 310 9.37 18.21 16.42
CA VAL A 310 10.70 18.55 15.91
C VAL A 310 11.75 17.75 16.69
N PRO A 311 11.68 17.65 18.02
CA PRO A 311 12.64 16.75 18.69
C PRO A 311 12.58 15.32 18.17
N PHE A 312 11.40 14.85 17.78
CA PHE A 312 11.32 13.50 17.21
C PHE A 312 12.02 13.42 15.86
N LEU A 313 11.94 14.50 15.06
CA LEU A 313 12.71 14.53 13.82
C LEU A 313 14.22 14.55 14.10
N VAL A 314 14.64 15.31 15.12
CA VAL A 314 16.06 15.30 15.50
C VAL A 314 16.47 13.88 15.90
N GLY A 315 15.58 13.15 16.57
CA GLY A 315 15.92 11.80 16.97
C GLY A 315 16.08 10.86 15.79
N VAL A 316 15.09 10.85 14.89
CA VAL A 316 15.21 10.05 13.66
C VAL A 316 16.43 10.46 12.87
N LEU A 317 16.70 11.77 12.77
CA LEU A 317 17.89 12.16 12.04
C LEU A 317 19.15 11.70 12.75
N SER A 318 19.11 11.59 14.08
CA SER A 318 20.30 11.19 14.83
C SER A 318 20.56 9.69 14.75
N LYS A 319 19.52 8.87 14.78
CA LYS A 319 19.70 7.43 14.82
C LYS A 319 18.45 6.76 14.27
N ALA A 320 18.59 6.10 13.13
CA ALA A 320 17.51 5.35 12.49
C ALA A 320 18.11 4.57 11.34
N ASP A 321 17.29 3.74 10.72
CA ASP A 321 17.70 3.15 9.46
C ASP A 321 17.97 4.27 8.45
N PHE A 322 19.05 4.13 7.67
CA PHE A 322 19.45 5.20 6.76
C PHE A 322 18.29 5.66 5.88
N LYS A 323 17.49 4.73 5.36
CA LYS A 323 16.36 5.13 4.53
C LYS A 323 15.38 5.99 5.31
N THR A 324 15.26 5.77 6.62
CA THR A 324 14.46 6.65 7.45
C THR A 324 15.15 7.99 7.67
N GLN A 325 16.48 7.97 7.81
CA GLN A 325 17.24 9.20 7.97
C GLN A 325 17.13 10.07 6.72
N LYS A 326 17.10 9.44 5.55
CA LYS A 326 16.96 10.18 4.29
C LYS A 326 15.63 10.92 4.26
N GLU A 327 14.54 10.25 4.64
CA GLU A 327 13.26 10.93 4.77
C GLU A 327 13.34 12.06 5.79
N ALA A 328 14.07 11.84 6.88
CA ALA A 328 14.21 12.90 7.88
C ALA A 328 14.96 14.08 7.29
N ALA A 329 15.97 13.82 6.46
CA ALA A 329 16.65 14.92 5.78
C ALA A 329 15.66 15.70 4.91
N TRP A 330 14.84 14.99 4.13
CA TRP A 330 13.82 15.65 3.33
C TRP A 330 12.90 16.49 4.18
N ALA A 331 12.40 15.92 5.28
CA ALA A 331 11.51 16.65 6.17
C ALA A 331 12.14 17.97 6.61
N ILE A 332 13.45 17.96 6.90
CA ILE A 332 14.10 19.18 7.37
C ILE A 332 14.24 20.19 6.24
N THR A 333 14.67 19.76 5.07
CA THR A 333 14.80 20.69 3.95
C THR A 333 13.45 21.29 3.57
N ASN A 334 12.38 20.50 3.63
CA ASN A 334 11.05 21.04 3.39
C ASN A 334 10.67 22.05 4.47
N TYR A 335 10.90 21.69 5.74
CA TYR A 335 10.69 22.62 6.86
C TYR A 335 11.42 23.94 6.63
N THR A 336 12.73 23.88 6.37
CA THR A 336 13.52 25.08 6.21
C THR A 336 13.25 25.80 4.90
N SER A 337 12.57 25.17 3.95
CA SER A 337 12.20 25.88 2.73
C SER A 337 11.01 26.78 2.94
N GLY A 338 9.99 26.29 3.64
CA GLY A 338 8.75 27.04 3.79
C GLY A 338 8.55 27.70 5.13
N GLY A 339 9.41 27.39 6.13
CA GLY A 339 9.19 27.88 7.48
C GLY A 339 9.54 29.34 7.67
N THR A 340 9.02 29.92 8.74
CA THR A 340 9.41 31.27 9.13
C THR A 340 10.79 31.25 9.77
N VAL A 341 11.38 32.45 9.88
CA VAL A 341 12.64 32.60 10.59
C VAL A 341 12.53 32.03 12.00
N GLU A 342 11.46 32.42 12.72
CA GLU A 342 11.28 31.92 14.07
C GLU A 342 11.17 30.39 14.09
N GLN A 343 10.46 29.81 13.12
CA GLN A 343 10.35 28.36 13.05
C GLN A 343 11.70 27.71 12.75
N ILE A 344 12.50 28.34 11.89
CA ILE A 344 13.82 27.80 11.58
C ILE A 344 14.76 27.94 12.77
N VAL A 345 14.65 29.04 13.52
CA VAL A 345 15.48 29.19 14.72
C VAL A 345 15.12 28.11 15.74
N TYR A 346 13.83 27.83 15.90
CA TYR A 346 13.40 26.78 16.82
C TYR A 346 14.01 25.43 16.43
N LEU A 347 14.07 25.15 15.13
CA LEU A 347 14.71 23.94 14.65
C LEU A 347 16.15 23.84 15.13
N VAL A 348 16.93 24.92 14.98
CA VAL A 348 18.32 24.89 15.41
C VAL A 348 18.41 24.68 16.92
N HIS A 349 17.55 25.34 17.69
CA HIS A 349 17.62 25.19 19.14
C HIS A 349 17.26 23.78 19.59
N CYS A 350 16.52 23.03 18.77
CA CYS A 350 16.26 21.64 19.10
C CYS A 350 17.43 20.70 18.84
N GLY A 351 18.49 21.19 18.20
CA GLY A 351 19.68 20.41 17.97
C GLY A 351 19.81 19.77 16.61
N ILE A 352 19.26 20.39 15.56
CA ILE A 352 19.27 19.78 14.25
C ILE A 352 20.64 19.80 13.58
N ILE A 353 21.52 20.73 13.97
CA ILE A 353 22.72 20.99 13.17
C ILE A 353 23.66 19.79 13.18
N GLU A 354 24.00 19.29 14.37
CA GLU A 354 25.01 18.24 14.46
C GLU A 354 24.57 16.94 13.79
N PRO A 355 23.38 16.39 14.06
CA PRO A 355 22.96 15.20 13.29
C PRO A 355 22.89 15.47 11.79
N LEU A 356 22.51 16.69 11.40
CA LEU A 356 22.49 17.03 9.98
C LEU A 356 23.90 17.02 9.41
N MET A 357 24.89 17.50 10.19
CA MET A 357 26.28 17.43 9.75
C MET A 357 26.75 15.99 9.61
N ASN A 358 26.43 15.14 10.59
CA ASN A 358 26.94 13.78 10.58
C ASN A 358 26.53 13.04 9.32
N LEU A 359 25.37 13.36 8.77
CA LEU A 359 24.89 12.67 7.59
C LEU A 359 25.60 13.13 6.32
N LEU A 360 26.51 14.08 6.40
CA LEU A 360 27.32 14.43 5.23
C LEU A 360 28.45 13.45 5.01
N SER A 361 28.51 12.37 5.78
CA SER A 361 29.42 11.27 5.54
C SER A 361 28.80 10.14 4.73
N ALA A 362 27.49 10.23 4.45
CA ALA A 362 26.83 9.17 3.70
C ALA A 362 27.25 9.23 2.24
N LYS A 363 27.32 8.05 1.62
CA LYS A 363 27.68 7.96 0.21
C LYS A 363 26.53 8.30 -0.73
N ASP A 364 25.31 8.38 -0.21
CA ASP A 364 24.15 8.72 -1.02
C ASP A 364 24.27 10.16 -1.51
N THR A 365 24.29 10.34 -2.83
CA THR A 365 24.50 11.68 -3.38
C THR A 365 23.28 12.56 -3.19
N LYS A 366 22.08 11.98 -3.26
CA LYS A 366 20.88 12.78 -3.08
C LYS A 366 20.76 13.32 -1.66
N ILE A 367 21.15 12.54 -0.65
CA ILE A 367 20.99 13.03 0.72
C ILE A 367 21.95 14.18 1.00
N ILE A 368 23.12 14.20 0.36
CA ILE A 368 24.05 15.31 0.57
C ILE A 368 23.47 16.59 -0.03
N GLN A 369 22.93 16.51 -1.24
CA GLN A 369 22.23 17.63 -1.83
C GLN A 369 21.12 18.14 -0.92
N VAL A 370 20.27 17.22 -0.44
CA VAL A 370 19.16 17.59 0.43
C VAL A 370 19.66 18.30 1.69
N ILE A 371 20.72 17.77 2.29
CA ILE A 371 21.25 18.37 3.52
C ILE A 371 21.89 19.72 3.21
N LEU A 372 22.71 19.77 2.15
CA LEU A 372 23.35 21.02 1.76
C LEU A 372 22.31 22.10 1.49
N ASP A 373 21.18 21.72 0.91
CA ASP A 373 20.13 22.70 0.66
C ASP A 373 19.54 23.20 1.98
N ALA A 374 19.35 22.30 2.94
CA ALA A 374 18.86 22.71 4.25
C ALA A 374 19.81 23.72 4.89
N ILE A 375 21.12 23.54 4.70
CA ILE A 375 22.08 24.47 5.28
C ILE A 375 21.89 25.87 4.71
N SER A 376 21.76 25.97 3.39
CA SER A 376 21.53 27.27 2.76
C SER A 376 20.30 27.93 3.33
N ASN A 377 19.17 27.20 3.37
CA ASN A 377 17.97 27.74 3.98
C ASN A 377 18.22 28.23 5.40
N ILE A 378 18.98 27.47 6.18
CA ILE A 378 19.21 27.84 7.57
C ILE A 378 20.14 29.05 7.66
N PHE A 379 21.22 29.07 6.88
CA PHE A 379 22.00 30.31 6.75
C PHE A 379 21.15 31.48 6.30
N GLN A 380 20.23 31.26 5.35
CA GLN A 380 19.40 32.38 4.90
C GLN A 380 18.64 32.99 6.06
N ALA A 381 18.15 32.15 6.98
CA ALA A 381 17.47 32.65 8.16
C ALA A 381 18.44 33.42 9.05
N ALA A 382 19.67 32.93 9.21
CA ALA A 382 20.64 33.61 10.05
C ALA A 382 21.06 34.95 9.45
N GLU A 383 20.97 35.11 8.14
CA GLU A 383 21.31 36.39 7.52
C GLU A 383 20.28 37.46 7.87
N LYS A 384 19.00 37.09 7.94
CA LYS A 384 17.97 38.03 8.35
C LYS A 384 18.07 38.39 9.83
N LEU A 385 19.10 37.91 10.53
CA LEU A 385 19.30 38.18 11.94
C LEU A 385 20.71 38.64 12.26
N GLY A 386 21.62 38.71 11.29
CA GLY A 386 23.02 38.94 11.57
C GLY A 386 23.70 37.81 12.32
N GLU A 387 23.06 36.65 12.41
CA GLU A 387 23.53 35.53 13.22
C GLU A 387 24.36 34.52 12.43
N THR A 388 24.75 34.87 11.21
CA THR A 388 25.53 33.94 10.38
C THR A 388 26.80 33.51 11.08
N GLU A 389 27.54 34.46 11.64
CA GLU A 389 28.78 34.14 12.33
C GLU A 389 28.55 33.10 13.42
N LYS A 390 27.54 33.32 14.28
CA LYS A 390 27.27 32.40 15.37
C LYS A 390 26.89 31.01 14.86
N LEU A 391 26.23 30.93 13.69
CA LEU A 391 25.89 29.63 13.15
C LEU A 391 27.06 29.01 12.40
N SER A 392 27.85 29.83 11.71
CA SER A 392 29.08 29.33 11.11
C SER A 392 29.93 28.60 12.14
N ILE A 393 30.05 29.18 13.35
CA ILE A 393 30.83 28.56 14.40
C ILE A 393 30.22 27.22 14.82
N MET A 394 28.90 27.16 14.91
CA MET A 394 28.24 25.91 15.29
C MET A 394 28.61 24.78 14.34
N ILE A 395 28.49 25.02 13.03
CA ILE A 395 28.84 23.99 12.06
C ILE A 395 30.32 23.66 12.16
N GLU A 396 31.16 24.65 12.46
CA GLU A 396 32.58 24.37 12.68
C GLU A 396 32.81 23.57 13.96
N GLU A 397 32.20 24.01 15.07
CA GLU A 397 32.48 23.45 16.39
C GLU A 397 32.09 21.98 16.52
N CYS A 398 31.27 21.46 15.62
CA CYS A 398 30.90 20.04 15.65
C CYS A 398 31.50 19.26 14.48
N GLY A 399 32.34 19.90 13.68
CA GLY A 399 33.01 19.23 12.59
C GLY A 399 32.28 19.24 11.26
N GLY A 400 31.26 20.09 11.10
CA GLY A 400 30.53 20.11 9.84
C GLY A 400 31.35 20.68 8.70
N LEU A 401 32.21 21.65 8.98
CA LEU A 401 32.97 22.26 7.89
C LEU A 401 34.07 21.35 7.36
N ASP A 402 34.56 20.39 8.15
CA ASP A 402 35.38 19.34 7.55
C ASP A 402 34.57 18.61 6.47
N LYS A 403 33.31 18.28 6.76
CA LYS A 403 32.47 17.62 5.77
C LYS A 403 32.18 18.52 4.58
N ILE A 404 32.04 19.83 4.81
CA ILE A 404 31.67 20.75 3.73
C ILE A 404 32.88 21.13 2.90
N GLU A 405 33.98 21.55 3.55
CA GLU A 405 35.18 21.95 2.83
C GLU A 405 35.88 20.77 2.16
N ALA A 406 35.40 19.54 2.38
CA ALA A 406 35.83 18.39 1.61
C ALA A 406 34.94 18.15 0.41
N LEU A 407 33.62 18.25 0.61
CA LEU A 407 32.64 18.00 -0.44
C LEU A 407 32.80 18.93 -1.65
N GLN A 408 33.60 20.00 -1.53
CA GLN A 408 33.85 20.84 -2.70
C GLN A 408 34.61 20.08 -3.78
N ARG A 409 35.27 18.98 -3.43
CA ARG A 409 35.92 18.09 -4.38
C ARG A 409 35.13 16.81 -4.59
N HIS A 410 33.81 16.91 -4.73
CA HIS A 410 32.92 15.77 -4.91
C HIS A 410 32.69 15.51 -6.39
N GLU A 411 32.23 14.29 -6.68
CA GLU A 411 32.00 13.88 -8.07
C GLU A 411 30.82 14.64 -8.68
N ASN A 412 29.75 14.84 -7.91
CA ASN A 412 28.57 15.50 -8.44
C ASN A 412 28.80 17.00 -8.52
N GLU A 413 28.32 17.61 -9.62
CA GLU A 413 28.55 19.02 -9.86
C GLU A 413 27.71 19.90 -8.94
N SER A 414 26.42 19.56 -8.78
CA SER A 414 25.56 20.36 -7.91
C SER A 414 26.03 20.30 -6.45
N VAL A 415 26.73 19.22 -6.08
CA VAL A 415 27.27 19.11 -4.73
C VAL A 415 28.51 19.98 -4.58
N TYR A 416 29.43 19.89 -5.55
CA TYR A 416 30.62 20.73 -5.50
C TYR A 416 30.26 22.22 -5.50
N LYS A 417 29.22 22.58 -6.26
CA LYS A 417 28.86 23.99 -6.38
C LYS A 417 28.30 24.52 -5.06
N ALA A 418 27.32 23.82 -4.49
CA ALA A 418 26.76 24.25 -3.20
C ALA A 418 27.82 24.26 -2.11
N SER A 419 28.77 23.31 -2.15
CA SER A 419 29.77 23.21 -1.10
C SER A 419 30.69 24.43 -1.09
N LEU A 420 31.41 24.67 -2.19
CA LEU A 420 32.31 25.82 -2.24
C LEU A 420 31.54 27.13 -2.06
N ASN A 421 30.27 27.15 -2.46
CA ASN A 421 29.44 28.33 -2.21
C ASN A 421 29.28 28.59 -0.72
N LEU A 422 28.91 27.55 0.04
CA LEU A 422 28.78 27.72 1.49
C LEU A 422 30.11 28.13 2.11
N ILE A 423 31.22 27.62 1.58
CA ILE A 423 32.54 28.08 2.01
C ILE A 423 32.69 29.57 1.76
N GLU A 424 32.50 29.98 0.50
CA GLU A 424 32.80 31.34 0.08
C GLU A 424 31.88 32.38 0.72
N LYS A 425 30.64 31.99 1.04
CA LYS A 425 29.69 32.96 1.58
C LYS A 425 29.78 33.09 3.10
N TYR A 426 30.23 32.06 3.82
CA TYR A 426 30.22 32.13 5.29
C TYR A 426 31.49 31.60 5.96
N PHE A 427 32.51 31.25 5.17
CA PHE A 427 33.75 30.74 5.73
N PRO B 1 0.59 -6.64 0.51
CA PRO B 1 -0.28 -7.80 0.74
C PRO B 1 -0.39 -8.63 -0.53
N ALA B 2 -0.95 -9.81 -0.45
CA ALA B 2 -0.82 -10.78 -1.53
C ALA B 2 -1.68 -10.39 -2.71
N HIS B 3 -1.06 -10.34 -3.89
CA HIS B 3 -1.83 -10.15 -5.12
C HIS B 3 -2.72 -11.36 -5.39
N LYS B 4 -2.21 -12.57 -5.15
CA LYS B 4 -2.93 -13.81 -5.40
C LYS B 4 -2.74 -14.75 -4.22
N LYS B 5 -3.67 -15.68 -4.05
CA LYS B 5 -3.48 -16.69 -3.02
C LYS B 5 -4.26 -17.96 -3.36
N PRO B 6 -3.62 -19.13 -3.20
CA PRO B 6 -4.33 -20.39 -3.41
C PRO B 6 -5.15 -20.76 -2.18
N LYS B 7 -6.11 -21.66 -2.38
CA LYS B 7 -6.90 -22.20 -1.29
C LYS B 7 -6.29 -23.53 -0.84
N THR B 8 -5.95 -23.61 0.44
CA THR B 8 -5.33 -24.78 1.06
C THR B 8 -6.18 -25.36 2.17
#